data_7S18
#
_entry.id   7S18
#
_cell.length_a   99.500
_cell.length_b   99.500
_cell.length_c   85.370
_cell.angle_alpha   90.000
_cell.angle_beta   90.000
_cell.angle_gamma   90.000
#
_symmetry.space_group_name_H-M   'I 41 2 2'
#
loop_
_entity.id
_entity.type
_entity.pdbx_description
1 polymer Cruzipain
2 non-polymer "N,N-dimethyl-L-valyl-L-leucyl-N-[(3S)-6-{(2S)-2-[([1,1'-biphenyl]-4-yl)methyl]-3-methoxy-5-oxo-2,5-dihydro-1H-pyrrol-1-yl}-6-oxo-1-phenylhexan-3-yl]-L-leucinamide"
3 water water
#
_entity_poly.entity_id   1
_entity_poly.type   'polypeptide(L)'
_entity_poly.pdbx_seq_one_letter_code
;APAAVDWRARGAVTAVKDQGQCGSCWAFSAIGNVECQWFLAGHPLTNLSEQMLVSCDKTDSGCSGGLMNNAFEWIVQENN
GAVYTEDSYPYASGEGISPPCTTSGHTVGATITGHVELPQDEAQIAAWLAVNGPVAVAVDASSWMTYTGGVMTSCVSEQL
DHGVLLVGYNDSAAVPYWIIKNSWTTQWGEEGYIRIAKGSNQCLVKEEASSAVVG
;
_entity_poly.pdbx_strand_id   A
#
# COMPACT_ATOMS: atom_id res chain seq x y z
N ALA A 1 -11.80 4.50 19.21
CA ALA A 1 -11.50 3.34 18.32
C ALA A 1 -10.95 2.22 19.17
N PRO A 2 -11.10 0.95 18.71
CA PRO A 2 -10.66 -0.21 19.49
C PRO A 2 -9.20 -0.20 19.94
N ALA A 3 -8.86 -1.13 20.82
CA ALA A 3 -7.51 -1.27 21.31
C ALA A 3 -6.55 -1.77 20.20
N ALA A 4 -7.02 -2.70 19.37
CA ALA A 4 -6.16 -3.37 18.39
C ALA A 4 -6.93 -3.69 17.14
N VAL A 5 -6.35 -3.37 15.98
CA VAL A 5 -6.92 -3.77 14.69
C VAL A 5 -5.84 -4.38 13.79
N ASP A 6 -6.26 -5.34 12.99
CA ASP A 6 -5.40 -6.18 12.21
C ASP A 6 -6.21 -6.80 11.07
N TRP A 7 -6.31 -6.07 9.95
CA TRP A 7 -7.16 -6.55 8.85
C TRP A 7 -6.72 -7.86 8.13
N ARG A 8 -5.52 -8.37 8.43
CA ARG A 8 -5.12 -9.68 7.91
C ARG A 8 -6.00 -10.75 8.51
N ALA A 9 -6.17 -10.65 9.82
CA ALA A 9 -7.05 -11.51 10.63
C ALA A 9 -8.50 -11.60 10.15
N ARG A 10 -9.01 -10.55 9.52
CA ARG A 10 -10.37 -10.58 8.96
C ARG A 10 -10.38 -10.99 7.47
N GLY A 11 -9.31 -11.60 6.96
CA GLY A 11 -9.26 -12.02 5.56
C GLY A 11 -9.19 -10.89 4.52
N ALA A 12 -8.79 -9.69 4.93
CA ALA A 12 -8.74 -8.53 4.00
C ALA A 12 -7.41 -8.29 3.28
N VAL A 13 -6.37 -9.13 3.47
CA VAL A 13 -5.00 -8.79 3.01
C VAL A 13 -4.39 -9.95 2.26
N THR A 14 -3.91 -9.70 1.04
CA THR A 14 -3.28 -10.74 0.26
C THR A 14 -1.86 -10.86 0.73
N ALA A 15 -1.19 -11.89 0.21
CA ALA A 15 0.19 -12.20 0.53
C ALA A 15 1.18 -11.13 0.10
N VAL A 16 2.34 -11.14 0.74
CA VAL A 16 3.43 -10.18 0.53
C VAL A 16 3.98 -10.40 -0.88
N LYS A 17 4.31 -9.32 -1.54
CA LYS A 17 4.76 -9.34 -2.92
C LYS A 17 6.19 -8.81 -2.98
N ASP A 18 6.70 -8.68 -4.20
CA ASP A 18 8.12 -8.45 -4.42
C ASP A 18 8.25 -7.49 -5.57
N GLN A 19 8.81 -6.31 -5.33
CA GLN A 19 8.90 -5.34 -6.40
C GLN A 19 10.11 -5.60 -7.25
N GLY A 20 11.06 -6.39 -6.75
CA GLY A 20 12.28 -6.73 -7.47
C GLY A 20 13.21 -5.55 -7.60
N GLN A 21 13.89 -5.46 -8.74
CA GLN A 21 14.85 -4.40 -8.98
C GLN A 21 14.14 -3.24 -9.64
N CYS A 22 12.93 -2.89 -9.18
CA CYS A 22 12.14 -1.78 -9.75
C CYS A 22 11.59 -0.86 -8.61
N GLY A 23 11.66 0.45 -8.82
CA GLY A 23 11.21 1.45 -7.85
C GLY A 23 9.72 1.75 -7.92
N SER A 24 8.92 0.71 -7.71
CA SER A 24 7.49 0.73 -7.91
C SER A 24 6.70 0.55 -6.59
N CYS A 25 7.33 0.85 -5.46
CA CYS A 25 6.68 0.84 -4.12
C CYS A 25 5.28 1.46 -4.10
N TRP A 26 5.18 2.62 -4.76
CA TRP A 26 3.97 3.40 -4.91
C TRP A 26 2.86 2.67 -5.65
N ALA A 27 3.21 1.82 -6.61
CA ALA A 27 2.22 1.01 -7.27
C ALA A 27 1.74 -0.09 -6.34
N PHE A 28 2.65 -0.85 -5.74
CA PHE A 28 2.26 -1.89 -4.77
C PHE A 28 1.42 -1.38 -3.57
N SER A 29 1.69 -0.16 -3.10
CA SER A 29 0.94 0.43 -1.99
C SER A 29 -0.52 0.71 -2.44
N ALA A 30 -0.66 1.50 -3.48
CA ALA A 30 -1.94 1.74 -4.15
C ALA A 30 -2.75 0.46 -4.40
N ILE A 31 -2.17 -0.48 -5.10
CA ILE A 31 -2.86 -1.72 -5.40
C ILE A 31 -3.25 -2.52 -4.17
N GLY A 32 -2.37 -2.57 -3.17
CA GLY A 32 -2.68 -3.37 -1.98
C GLY A 32 -3.84 -2.79 -1.18
N ASN A 33 -3.95 -1.47 -1.17
CA ASN A 33 -5.07 -0.73 -0.64
C ASN A 33 -6.39 -1.08 -1.34
N VAL A 34 -6.38 -1.02 -2.66
CA VAL A 34 -7.54 -1.39 -3.47
C VAL A 34 -7.92 -2.82 -3.17
N GLU A 35 -6.99 -3.74 -3.40
CA GLU A 35 -7.19 -5.17 -3.06
C GLU A 35 -8.06 -5.42 -1.80
N CYS A 36 -7.77 -4.63 -0.77
CA CYS A 36 -8.39 -4.72 0.54
C CYS A 36 -9.73 -3.96 0.59
N GLN A 37 -9.79 -2.74 0.03
CA GLN A 37 -11.02 -1.94 0.03
C GLN A 37 -12.08 -2.63 -0.79
N TRP A 38 -11.67 -3.22 -1.92
CA TRP A 38 -12.53 -4.11 -2.70
C TRP A 38 -13.12 -5.17 -1.80
N PHE A 39 -12.29 -6.04 -1.26
CA PHE A 39 -12.79 -7.09 -0.36
C PHE A 39 -13.79 -6.58 0.68
N LEU A 40 -13.39 -5.56 1.42
CA LEU A 40 -14.27 -5.02 2.48
C LEU A 40 -15.54 -4.32 1.95
N ALA A 41 -15.72 -4.25 0.63
CA ALA A 41 -16.99 -3.88 0.05
C ALA A 41 -17.67 -5.14 -0.47
N GLY A 42 -17.78 -6.16 0.38
CA GLY A 42 -18.51 -7.36 0.04
C GLY A 42 -18.03 -8.22 -1.10
N HIS A 43 -16.85 -7.94 -1.65
CA HIS A 43 -16.30 -8.76 -2.74
C HIS A 43 -15.27 -9.74 -2.16
N PRO A 44 -15.02 -10.88 -2.86
CA PRO A 44 -13.93 -11.75 -2.41
C PRO A 44 -12.50 -11.23 -2.73
N LEU A 45 -11.52 -11.73 -1.99
CA LEU A 45 -10.19 -11.15 -2.00
C LEU A 45 -9.49 -11.57 -3.28
N THR A 46 -9.15 -10.61 -4.13
CA THR A 46 -8.49 -10.93 -5.39
C THR A 46 -7.17 -10.20 -5.46
N ASN A 47 -6.13 -10.89 -5.94
CA ASN A 47 -4.85 -10.25 -6.25
C ASN A 47 -4.98 -9.42 -7.50
N LEU A 48 -4.62 -8.14 -7.41
CA LEU A 48 -4.66 -7.19 -8.54
C LEU A 48 -3.26 -6.80 -9.07
N SER A 49 -3.26 -6.02 -10.17
CA SER A 49 -2.07 -5.76 -10.98
C SER A 49 -1.38 -4.43 -10.71
N GLU A 50 -0.12 -4.55 -10.32
CA GLU A 50 0.78 -3.41 -10.20
C GLU A 50 1.33 -3.10 -11.56
N GLN A 51 1.48 -4.12 -12.40
CA GLN A 51 2.13 -3.91 -13.67
C GLN A 51 1.34 -2.97 -14.55
N MET A 52 0.02 -3.00 -14.37
CA MET A 52 -0.89 -2.05 -14.98
C MET A 52 -0.43 -0.64 -14.76
N LEU A 53 -0.14 -0.31 -13.52
CA LEU A 53 0.24 1.05 -13.15
C LEU A 53 1.65 1.42 -13.55
N VAL A 54 2.58 0.50 -13.39
CA VAL A 54 3.96 0.80 -13.74
C VAL A 54 3.97 1.14 -15.22
N SER A 55 3.49 0.22 -16.04
CA SER A 55 3.51 0.40 -17.48
C SER A 55 2.59 1.52 -17.93
N CYS A 56 1.31 1.49 -17.57
CA CYS A 56 0.31 2.33 -18.24
C CYS A 56 0.09 3.73 -17.68
N ASP A 57 0.27 3.90 -16.38
CA ASP A 57 0.16 5.23 -15.77
C ASP A 57 1.36 6.14 -16.09
N LYS A 58 1.10 7.18 -16.88
CA LYS A 58 2.12 8.12 -17.32
C LYS A 58 2.09 9.43 -16.53
N THR A 59 1.20 9.53 -15.55
CA THR A 59 1.22 10.66 -14.62
C THR A 59 2.33 10.46 -13.62
N ASP A 60 2.55 9.19 -13.25
CA ASP A 60 3.70 8.71 -12.46
C ASP A 60 4.84 8.26 -13.42
N SER A 61 5.90 7.63 -12.89
CA SER A 61 7.13 7.29 -13.65
C SER A 61 7.64 5.86 -13.47
N GLY A 62 6.72 4.89 -13.48
CA GLY A 62 7.10 3.48 -13.41
C GLY A 62 8.17 3.13 -12.38
N CYS A 63 9.31 2.61 -12.85
CA CYS A 63 10.34 2.13 -11.97
C CYS A 63 11.19 3.26 -11.34
N SER A 64 11.06 4.49 -11.87
CA SER A 64 11.67 5.69 -11.28
C SER A 64 10.68 6.41 -10.34
N GLY A 65 9.66 5.70 -9.83
CA GLY A 65 8.79 6.23 -8.76
C GLY A 65 7.52 6.98 -9.15
N GLY A 66 6.72 7.32 -8.12
CA GLY A 66 5.43 8.00 -8.25
C GLY A 66 4.75 8.17 -6.89
N LEU A 67 3.49 8.64 -6.86
CA LEU A 67 2.71 8.62 -5.62
C LEU A 67 1.36 7.97 -5.77
N MET A 68 0.88 7.45 -4.65
CA MET A 68 -0.34 6.66 -4.58
C MET A 68 -1.55 7.45 -4.97
N ASN A 69 -1.56 8.70 -4.53
CA ASN A 69 -2.64 9.57 -4.93
C ASN A 69 -2.79 9.63 -6.44
N ASN A 70 -1.71 9.84 -7.19
CA ASN A 70 -1.78 9.83 -8.67
C ASN A 70 -2.27 8.51 -9.24
N ALA A 71 -1.83 7.41 -8.64
CA ALA A 71 -2.27 6.10 -9.09
C ALA A 71 -3.80 5.92 -8.96
N PHE A 72 -4.38 6.44 -7.87
CA PHE A 72 -5.84 6.36 -7.68
C PHE A 72 -6.54 7.17 -8.76
N GLU A 73 -6.02 8.36 -9.03
CA GLU A 73 -6.63 9.23 -10.02
C GLU A 73 -6.57 8.64 -11.40
N TRP A 74 -5.39 8.19 -11.82
CA TRP A 74 -5.28 7.52 -13.13
C TRP A 74 -6.28 6.36 -13.29
N ILE A 75 -6.50 5.59 -12.23
CA ILE A 75 -7.46 4.51 -12.30
C ILE A 75 -8.80 5.09 -12.65
N VAL A 76 -9.22 6.06 -11.86
CA VAL A 76 -10.53 6.70 -12.01
C VAL A 76 -10.63 7.43 -13.36
N GLN A 77 -9.87 8.52 -13.49
CA GLN A 77 -9.99 9.44 -14.64
C GLN A 77 -9.62 8.75 -15.94
N GLU A 78 -8.38 8.27 -16.00
CA GLU A 78 -7.84 7.71 -17.25
C GLU A 78 -8.23 6.29 -17.57
N ASN A 79 -8.47 5.45 -16.56
CA ASN A 79 -8.74 4.04 -16.84
C ASN A 79 -10.14 3.62 -16.46
N ASN A 80 -11.08 4.55 -16.46
CA ASN A 80 -12.48 4.18 -16.26
C ASN A 80 -12.80 3.44 -14.95
N GLY A 81 -12.05 3.77 -13.91
CA GLY A 81 -12.23 3.18 -12.58
C GLY A 81 -11.82 1.73 -12.43
N ALA A 82 -11.22 1.12 -13.45
CA ALA A 82 -10.96 -0.33 -13.45
C ALA A 82 -9.57 -0.67 -12.96
N VAL A 83 -9.45 -1.84 -12.31
CA VAL A 83 -8.19 -2.42 -11.93
C VAL A 83 -8.16 -3.84 -12.37
N TYR A 84 -7.27 -4.18 -13.28
CA TYR A 84 -7.13 -5.57 -13.75
C TYR A 84 -6.59 -6.53 -12.66
N THR A 85 -6.68 -7.82 -12.91
CA THR A 85 -6.22 -8.84 -11.97
C THR A 85 -4.73 -9.03 -12.19
N GLU A 86 -4.03 -9.53 -11.18
CA GLU A 86 -2.63 -9.89 -11.36
C GLU A 86 -2.52 -10.98 -12.43
N ASP A 87 -3.50 -11.87 -12.53
CA ASP A 87 -3.39 -13.00 -13.47
C ASP A 87 -3.46 -12.59 -14.93
N SER A 88 -4.37 -11.68 -15.25
CA SER A 88 -4.50 -11.17 -16.61
C SER A 88 -3.57 -9.98 -16.92
N TYR A 89 -2.77 -9.54 -15.97
CA TYR A 89 -1.72 -8.55 -16.26
C TYR A 89 -0.56 -8.75 -15.28
N PRO A 90 0.16 -9.89 -15.40
CA PRO A 90 1.16 -10.26 -14.38
C PRO A 90 2.31 -9.29 -14.29
N TYR A 91 2.96 -9.30 -13.12
CA TYR A 91 4.04 -8.35 -12.82
C TYR A 91 5.30 -8.81 -13.51
N ALA A 92 5.90 -7.87 -14.24
CA ALA A 92 6.99 -8.21 -15.13
C ALA A 92 8.16 -7.25 -15.07
N SER A 93 8.22 -6.41 -14.03
CA SER A 93 9.28 -5.41 -13.86
C SER A 93 10.27 -5.77 -12.77
N GLY A 94 10.23 -7.03 -12.32
CA GLY A 94 11.14 -7.55 -11.32
C GLY A 94 12.60 -7.55 -11.73
N GLU A 95 12.86 -7.65 -13.04
CA GLU A 95 14.25 -7.56 -13.55
C GLU A 95 14.72 -6.10 -13.61
N GLY A 96 13.78 -5.17 -13.79
CA GLY A 96 14.09 -3.75 -13.70
C GLY A 96 13.61 -2.96 -14.90
N ILE A 97 13.30 -3.63 -16.01
CA ILE A 97 12.69 -2.94 -17.15
C ILE A 97 11.16 -3.12 -17.12
N SER A 98 10.45 -1.99 -17.12
CA SER A 98 9.02 -1.98 -17.25
C SER A 98 8.69 -2.14 -18.74
N PRO A 99 8.12 -3.30 -19.15
CA PRO A 99 7.79 -3.43 -20.55
C PRO A 99 6.53 -2.62 -20.89
N PRO A 100 6.28 -2.40 -22.20
CA PRO A 100 5.33 -1.34 -22.60
C PRO A 100 3.85 -1.61 -22.30
N CYS A 101 3.06 -0.55 -22.34
CA CYS A 101 1.66 -0.66 -22.01
C CYS A 101 0.89 -1.46 -23.07
N THR A 102 0.03 -2.38 -22.62
CA THR A 102 -0.94 -3.07 -23.47
C THR A 102 -2.36 -2.79 -22.91
N THR A 103 -3.29 -2.40 -23.79
CA THR A 103 -4.64 -1.91 -23.38
C THR A 103 -5.78 -2.93 -23.46
N SER A 104 -5.47 -4.17 -23.83
CA SER A 104 -6.48 -5.21 -23.95
C SER A 104 -5.90 -6.59 -23.69
N GLY A 105 -6.77 -7.59 -23.67
CA GLY A 105 -6.37 -8.95 -23.32
C GLY A 105 -6.17 -9.14 -21.83
N HIS A 106 -6.87 -8.34 -21.02
CA HIS A 106 -6.81 -8.42 -19.55
C HIS A 106 -8.21 -8.82 -19.02
N THR A 107 -8.42 -8.73 -17.70
CA THR A 107 -9.72 -9.05 -17.05
C THR A 107 -9.84 -8.14 -15.85
N VAL A 108 -10.96 -7.43 -15.70
CA VAL A 108 -11.11 -6.52 -14.57
C VAL A 108 -11.40 -7.29 -13.29
N GLY A 109 -10.60 -7.10 -12.25
CA GLY A 109 -10.81 -7.77 -10.98
C GLY A 109 -11.48 -6.88 -9.94
N ALA A 110 -11.49 -5.57 -10.17
CA ALA A 110 -12.04 -4.64 -9.20
C ALA A 110 -12.12 -3.29 -9.79
N THR A 111 -12.84 -2.42 -9.10
CA THR A 111 -13.26 -1.15 -9.60
C THR A 111 -13.31 -0.16 -8.47
N ILE A 112 -13.04 1.10 -8.78
CA ILE A 112 -13.13 2.18 -7.79
C ILE A 112 -13.75 3.43 -8.36
N THR A 113 -14.37 4.24 -7.50
CA THR A 113 -14.91 5.54 -7.89
C THR A 113 -14.08 6.71 -7.46
N GLY A 114 -13.05 6.51 -6.65
CA GLY A 114 -12.21 7.63 -6.20
C GLY A 114 -11.34 7.32 -5.01
N HIS A 115 -10.95 8.38 -4.30
CA HIS A 115 -10.16 8.21 -3.11
C HIS A 115 -10.22 9.40 -2.18
N VAL A 116 -10.06 9.09 -0.90
CA VAL A 116 -9.95 10.11 0.17
C VAL A 116 -8.53 10.22 0.69
N GLU A 117 -8.18 11.40 1.18
CA GLU A 117 -6.86 11.69 1.70
C GLU A 117 -7.01 12.06 3.15
N LEU A 118 -6.44 11.27 4.03
CA LEU A 118 -6.69 11.39 5.46
C LEU A 118 -5.89 12.53 6.02
N PRO A 119 -6.38 13.18 7.09
CA PRO A 119 -5.59 14.26 7.63
C PRO A 119 -4.28 13.76 8.29
N GLN A 120 -3.33 14.67 8.46
CA GLN A 120 -2.05 14.37 9.04
C GLN A 120 -2.15 14.17 10.58
N ASP A 121 -2.85 13.13 11.00
CA ASP A 121 -3.09 12.90 12.39
C ASP A 121 -3.14 11.40 12.62
N GLU A 122 -2.17 10.87 13.36
CA GLU A 122 -2.16 9.42 13.65
C GLU A 122 -3.52 8.88 14.19
N ALA A 123 -4.13 9.61 15.11
CA ALA A 123 -5.28 9.07 15.85
C ALA A 123 -6.57 9.03 14.97
N GLN A 124 -6.74 10.07 14.17
CA GLN A 124 -7.75 10.08 13.12
C GLN A 124 -7.52 9.03 12.05
N ILE A 125 -6.25 8.88 11.64
CA ILE A 125 -5.87 7.80 10.72
C ILE A 125 -6.21 6.43 11.32
N ALA A 126 -5.83 6.21 12.58
CA ALA A 126 -6.16 4.96 13.32
C ALA A 126 -7.65 4.68 13.39
N ALA A 127 -8.37 5.71 13.86
CA ALA A 127 -9.82 5.72 13.95
C ALA A 127 -10.47 5.31 12.63
N TRP A 128 -10.14 6.05 11.55
CA TRP A 128 -10.59 5.70 10.16
C TRP A 128 -10.35 4.24 9.76
N LEU A 129 -9.11 3.77 9.97
CA LEU A 129 -8.69 2.42 9.57
C LEU A 129 -9.41 1.33 10.31
N ALA A 130 -9.69 1.58 11.59
CA ALA A 130 -10.54 0.67 12.43
C ALA A 130 -11.86 0.29 11.77
N VAL A 131 -12.45 1.26 11.07
CA VAL A 131 -13.75 1.15 10.41
C VAL A 131 -13.61 0.78 8.93
N ASN A 132 -12.84 1.58 8.21
CA ASN A 132 -12.82 1.54 6.76
C ASN A 132 -11.78 0.64 6.11
N GLY A 133 -10.78 0.18 6.85
CA GLY A 133 -9.81 -0.80 6.33
C GLY A 133 -8.38 -0.26 6.19
N PRO A 134 -7.54 -0.98 5.44
CA PRO A 134 -6.16 -0.58 5.24
C PRO A 134 -5.96 0.75 4.55
N VAL A 135 -4.81 1.37 4.80
CA VAL A 135 -4.54 2.74 4.39
C VAL A 135 -3.15 2.83 3.77
N ALA A 136 -3.07 3.36 2.56
CA ALA A 136 -1.79 3.52 1.87
C ALA A 136 -1.11 4.69 2.49
N VAL A 137 0.17 4.56 2.86
CA VAL A 137 0.93 5.67 3.45
C VAL A 137 2.31 5.86 2.86
N ALA A 138 2.76 7.11 2.95
CA ALA A 138 4.12 7.48 2.65
C ALA A 138 4.93 7.49 3.94
N VAL A 139 6.21 7.17 3.80
CA VAL A 139 7.16 7.08 4.89
C VAL A 139 8.61 7.38 4.43
N ASP A 140 9.49 7.63 5.41
CA ASP A 140 10.93 7.59 5.16
C ASP A 140 11.35 6.14 5.34
N ALA A 141 11.96 5.57 4.30
CA ALA A 141 12.55 4.26 4.43
C ALA A 141 14.03 4.24 4.08
N SER A 142 14.67 5.42 4.05
CA SER A 142 16.15 5.59 4.01
C SER A 142 16.99 4.53 4.76
N SER A 143 16.47 3.99 5.88
CA SER A 143 17.20 3.12 6.79
C SER A 143 16.61 1.72 7.03
N TRP A 144 15.67 1.26 6.19
CA TRP A 144 15.01 -0.04 6.44
C TRP A 144 15.78 -1.27 5.93
N MET A 145 16.85 -1.10 5.13
CA MET A 145 17.64 -2.26 4.70
C MET A 145 18.04 -3.06 5.96
N THR A 146 18.42 -2.34 7.01
CA THR A 146 18.78 -2.92 8.30
C THR A 146 17.70 -3.73 9.05
N TYR A 147 16.41 -3.53 8.77
CA TYR A 147 15.35 -3.95 9.69
C TYR A 147 15.09 -5.47 9.68
N THR A 148 15.30 -6.08 10.85
CA THR A 148 15.20 -7.53 11.04
C THR A 148 13.94 -7.92 11.84
N GLY A 149 13.37 -6.97 12.57
CA GLY A 149 12.18 -7.22 13.38
C GLY A 149 12.09 -6.26 14.55
N GLY A 150 11.08 -6.49 15.39
CA GLY A 150 10.84 -5.61 16.52
C GLY A 150 10.02 -4.43 16.06
N VAL A 151 9.84 -3.49 16.97
CA VAL A 151 9.03 -2.32 16.75
C VAL A 151 9.97 -1.21 16.53
N MET A 152 10.11 -0.76 15.30
CA MET A 152 10.97 0.36 15.03
C MET A 152 10.50 1.59 15.80
N THR A 153 11.41 2.16 16.59
CA THR A 153 11.16 3.27 17.54
C THR A 153 11.97 4.54 17.30
N SER A 154 13.18 4.45 16.74
CA SER A 154 14.05 5.64 16.51
C SER A 154 13.74 6.43 15.22
N CYS A 155 13.75 5.72 14.07
CA CYS A 155 13.43 6.26 12.72
C CYS A 155 13.42 7.83 12.65
N VAL A 156 14.58 8.47 12.90
CA VAL A 156 14.77 9.92 12.57
C VAL A 156 14.70 10.01 11.02
N SER A 157 14.14 11.10 10.49
CA SER A 157 13.55 11.06 9.16
C SER A 157 13.56 12.42 8.49
N GLU A 158 14.16 12.53 7.32
CA GLU A 158 14.32 13.82 6.61
C GLU A 158 13.41 14.03 5.39
N GLN A 159 12.92 12.95 4.78
CA GLN A 159 11.96 13.05 3.65
C GLN A 159 11.17 11.75 3.40
N LEU A 160 10.04 11.88 2.69
CA LEU A 160 9.25 10.71 2.25
C LEU A 160 9.86 10.11 0.99
N ASP A 161 9.99 8.79 0.97
CA ASP A 161 10.51 8.13 -0.23
C ASP A 161 10.04 6.70 -0.54
N HIS A 162 9.33 6.06 0.38
CA HIS A 162 8.78 4.73 0.20
C HIS A 162 7.24 4.77 0.36
N GLY A 163 6.50 3.97 -0.40
CA GLY A 163 5.06 3.70 -0.16
C GLY A 163 4.79 2.29 0.33
N VAL A 164 3.89 2.16 1.29
CA VAL A 164 3.56 0.90 1.96
C VAL A 164 2.09 0.99 2.44
N LEU A 165 1.61 -0.05 3.11
CA LEU A 165 0.22 -0.19 3.50
C LEU A 165 0.02 -0.38 4.99
N LEU A 166 -0.68 0.53 5.67
CA LEU A 166 -1.08 0.24 7.07
C LEU A 166 -2.14 -0.81 7.06
N VAL A 167 -1.99 -1.88 7.82
CA VAL A 167 -3.08 -2.88 7.94
C VAL A 167 -3.59 -3.07 9.38
N GLY A 168 -3.10 -2.25 10.31
CA GLY A 168 -3.41 -2.49 11.70
C GLY A 168 -2.60 -1.70 12.69
N TYR A 169 -2.91 -1.93 13.96
CA TYR A 169 -2.20 -1.29 15.07
C TYR A 169 -2.54 -1.99 16.36
N ASN A 170 -1.78 -1.67 17.40
CA ASN A 170 -2.00 -2.24 18.73
C ASN A 170 -1.59 -1.24 19.78
N ASP A 171 -2.57 -0.76 20.56
CA ASP A 171 -2.36 0.28 21.59
C ASP A 171 -2.16 -0.25 23.02
N SER A 172 -2.54 -1.51 23.26
CA SER A 172 -2.16 -2.18 24.51
C SER A 172 -0.65 -2.23 24.75
N ALA A 173 0.10 -2.56 23.72
CA ALA A 173 1.52 -2.79 23.85
C ALA A 173 2.27 -1.65 24.51
N ALA A 174 3.10 -2.00 25.49
CA ALA A 174 4.14 -1.15 26.02
C ALA A 174 4.60 -0.08 25.04
N VAL A 175 4.99 -0.53 23.85
CA VAL A 175 5.21 0.38 22.70
C VAL A 175 4.01 0.20 21.79
N PRO A 176 3.14 1.18 21.70
CA PRO A 176 2.09 1.02 20.70
C PRO A 176 2.68 1.01 19.29
N TYR A 177 2.04 0.28 18.38
CA TYR A 177 2.57 0.20 17.05
C TYR A 177 1.56 0.05 15.95
N TRP A 178 1.94 0.60 14.79
CA TRP A 178 1.35 0.25 13.53
C TRP A 178 1.88 -1.08 12.98
N ILE A 179 1.07 -1.75 12.18
CA ILE A 179 1.45 -2.94 11.42
C ILE A 179 1.45 -2.53 9.92
N ILE A 180 2.59 -2.62 9.26
CA ILE A 180 2.74 -2.13 7.89
C ILE A 180 3.16 -3.25 6.96
N LYS A 181 2.47 -3.39 5.84
CA LYS A 181 2.85 -4.35 4.80
C LYS A 181 3.79 -3.69 3.82
N ASN A 182 4.78 -4.47 3.40
CA ASN A 182 5.83 -4.02 2.48
C ASN A 182 5.84 -4.98 1.31
N SER A 183 6.63 -4.64 0.29
CA SER A 183 6.65 -5.33 -0.96
C SER A 183 8.11 -5.70 -1.33
N TRP A 184 8.88 -6.13 -0.32
CA TRP A 184 10.27 -6.54 -0.48
C TRP A 184 10.38 -8.02 -0.10
N THR A 185 9.32 -8.79 -0.30
CA THR A 185 9.21 -10.25 -0.07
C THR A 185 9.07 -10.61 1.37
N THR A 186 8.70 -11.85 1.62
CA THR A 186 8.69 -12.38 3.00
C THR A 186 10.06 -12.50 3.72
N GLN A 187 11.18 -12.26 3.02
CA GLN A 187 12.49 -12.33 3.67
C GLN A 187 12.70 -11.11 4.52
N TRP A 188 12.33 -9.95 4.00
CA TRP A 188 12.59 -8.73 4.75
C TRP A 188 11.62 -8.68 5.92
N GLY A 189 12.05 -7.94 6.94
CA GLY A 189 11.34 -7.72 8.18
C GLY A 189 10.71 -8.96 8.75
N GLU A 190 9.56 -8.77 9.36
CA GLU A 190 8.86 -9.84 10.05
C GLU A 190 7.97 -10.53 9.03
N GLU A 191 8.50 -11.57 8.38
CA GLU A 191 7.81 -12.27 7.32
C GLU A 191 7.23 -11.32 6.25
N GLY A 192 7.95 -10.24 5.93
CA GLY A 192 7.46 -9.24 4.95
C GLY A 192 6.90 -7.97 5.59
N TYR A 193 6.49 -8.07 6.85
CA TYR A 193 5.92 -6.91 7.61
C TYR A 193 6.91 -6.19 8.49
N ILE A 194 6.52 -5.01 8.91
CA ILE A 194 7.28 -4.16 9.84
C ILE A 194 6.30 -3.50 10.80
N ARG A 195 6.64 -3.51 12.08
CA ARG A 195 5.96 -2.67 13.06
C ARG A 195 6.77 -1.43 13.33
N ILE A 196 6.10 -0.29 13.39
CA ILE A 196 6.75 0.95 13.76
C ILE A 196 5.92 1.57 14.85
N ALA A 197 6.57 2.43 15.63
CA ALA A 197 5.94 2.95 16.81
C ALA A 197 4.79 3.89 16.42
N LYS A 198 3.66 3.69 17.08
CA LYS A 198 2.43 4.47 16.86
C LYS A 198 2.29 5.57 17.90
N GLY A 199 2.22 6.80 17.43
CA GLY A 199 1.98 7.98 18.26
C GLY A 199 3.08 9.03 18.33
N SER A 200 4.16 8.87 17.54
CA SER A 200 5.27 9.85 17.51
C SER A 200 5.72 10.22 16.09
N ASN A 201 4.83 9.97 15.12
CA ASN A 201 5.04 10.23 13.69
C ASN A 201 6.29 9.54 13.15
N GLN A 202 6.42 8.27 13.48
CA GLN A 202 7.57 7.51 13.09
C GLN A 202 7.67 7.31 11.61
N CYS A 203 8.83 7.60 11.05
CA CYS A 203 9.04 7.47 9.61
C CYS A 203 8.05 8.34 8.82
N LEU A 204 7.54 9.41 9.43
CA LEU A 204 6.60 10.32 8.79
C LEU A 204 5.28 9.68 8.35
N VAL A 205 4.85 8.67 9.10
CA VAL A 205 3.68 7.84 8.73
C VAL A 205 2.36 8.57 8.53
N LYS A 206 2.14 9.67 9.24
CA LYS A 206 0.91 10.47 9.06
C LYS A 206 0.85 11.37 7.82
N GLU A 207 1.98 11.68 7.22
CA GLU A 207 2.10 12.82 6.32
C GLU A 207 1.33 12.73 5.00
N GLU A 208 1.31 11.58 4.32
CA GLU A 208 0.62 11.44 3.03
C GLU A 208 -0.10 10.10 3.01
N ALA A 209 -1.10 9.98 3.89
CA ALA A 209 -1.96 8.80 3.96
C ALA A 209 -3.21 8.97 3.14
N SER A 210 -3.61 7.95 2.39
CA SER A 210 -4.82 8.03 1.57
C SER A 210 -5.40 6.67 1.37
N SER A 211 -6.55 6.60 0.71
CA SER A 211 -7.21 5.33 0.40
C SER A 211 -8.19 5.45 -0.73
N ALA A 212 -8.39 4.34 -1.41
CA ALA A 212 -9.36 4.25 -2.47
C ALA A 212 -10.76 4.06 -1.90
N VAL A 213 -11.74 4.39 -2.72
CA VAL A 213 -13.16 4.18 -2.42
C VAL A 213 -13.76 3.37 -3.54
N VAL A 214 -14.29 2.20 -3.21
CA VAL A 214 -15.07 1.36 -4.10
C VAL A 214 -16.52 1.81 -4.03
N GLY A 215 -17.12 2.11 -5.19
CA GLY A 215 -18.52 2.56 -5.23
C GLY A 215 -19.45 1.38 -5.02
#